data_8GFG
#
_entry.id   8GFG
#
_cell.length_a   176.299
_cell.length_b   176.299
_cell.length_c   176.299
_cell.angle_alpha   90.000
_cell.angle_beta   90.000
_cell.angle_gamma   90.000
#
_symmetry.space_group_name_H-M   'I 2 3'
#
loop_
_entity.id
_entity.type
_entity.pdbx_description
1 polymer 'Lytic transglycosylase domain-containing protein'
2 non-polymer '(3S,3aR,5S,6S,6aS)-2-oxohexahydro-2H-3,5-methanocyclopenta[b]furan-6-yl 2-acetamido-2-deoxy-beta-D-glucopyranoside'
3 non-polymer 'CITRIC ACID'
4 non-polymer 'DIMETHYL SULFOXIDE'
5 water water
#
_entity_poly.entity_id   1
_entity_poly.type   'polypeptide(L)'
_entity_poly.pdbx_seq_one_letter_code
;MGSSHHHHHHSSGLVPRGSHMQYSIEKLKKEENSLAKDYYIYRLLEKNKISKKDAQDLNSHIFRYIGKIKSELEKIIPLK
PYINPKYAKCYTYTANTILDANLTCQSVRLNSLVFIASLNSKDRTTLAQTFKNQRPDLTNLLLAFNTSDPMSYIVQKEDI
NGFFKLYNYSKKYDLDLNTSLVNKLPNHIGFKDFAQNIIIKKENPKFRHSMLEINPENVSEDSAFYLGVNALTYDKTELA
YDFFKKAAQSFKSQSNKDNAIFWMWLIKNNEEDLKTLSQSSSLNIYSLYAKELTNTPFPKIESLNPSKKKNNFNMQDPFA
WQKINKQIRDANASQLDVLAKEFDTQETLPIYAYILERKNNFKKHYFIMPYYDNIKDYNKTRQALILAIARQESRFIPTA
ISVSYALGMMQFMPFLANHIGEKELKIPNFDQDFMFKPEIAYYFGNYHLNYLESRLKSPLFVAYAYNGGIGFTNRMLARN
DMFKTGKFEPFLSMELVPYQESRIYGKKVLANYIVYRHLLNDSIKISDIFENLIQNKANDLNKS
;
_entity_poly.pdbx_strand_id   A
#
loop_
_chem_comp.id
_chem_comp.type
_chem_comp.name
_chem_comp.formula
CIT non-polymer 'CITRIC ACID' 'C6 H8 O7'
DMS non-polymer 'DIMETHYL SULFOXIDE' 'C2 H6 O S'
ZHL non-polymer '(3S,3aR,5S,6S,6aS)-2-oxohexahydro-2H-3,5-methanocyclopenta[b]furan-6-yl 2-acetamido-2-deoxy-beta-D-glucopyranoside' 'C16 H23 N O8'
#
# COMPACT_ATOMS: atom_id res chain seq x y z
N TYR A 23 30.03 8.03 -7.29
CA TYR A 23 30.79 7.36 -6.21
C TYR A 23 31.00 5.89 -6.60
N SER A 24 32.23 5.41 -6.36
CA SER A 24 32.63 4.04 -6.64
C SER A 24 32.13 3.09 -5.55
N ILE A 25 32.04 1.80 -5.88
CA ILE A 25 31.58 0.79 -4.95
C ILE A 25 32.34 0.87 -3.63
N GLU A 26 33.60 1.32 -3.67
CA GLU A 26 34.48 1.36 -2.50
C GLU A 26 34.04 2.48 -1.56
N LYS A 27 33.65 3.66 -2.07
CA LYS A 27 33.14 4.74 -1.20
C LYS A 27 31.75 4.40 -0.67
N LEU A 28 30.96 3.65 -1.46
CA LEU A 28 29.62 3.24 -1.05
C LEU A 28 29.73 2.31 0.14
N LYS A 29 30.76 1.44 0.12
CA LYS A 29 30.98 0.51 1.21
C LYS A 29 31.25 1.23 2.54
N LYS A 30 31.76 2.47 2.52
CA LYS A 30 32.07 3.24 3.73
C LYS A 30 30.84 3.92 4.33
N GLU A 31 29.69 3.92 3.62
CA GLU A 31 28.46 4.54 4.11
C GLU A 31 27.60 3.48 4.81
N GLU A 32 26.74 3.91 5.74
CA GLU A 32 25.81 3.03 6.44
C GLU A 32 24.82 2.45 5.45
N ASN A 33 24.43 1.18 5.69
CA ASN A 33 23.31 0.55 5.01
C ASN A 33 22.11 1.51 5.10
N SER A 34 21.40 1.66 3.97
CA SER A 34 20.27 2.55 3.80
C SER A 34 19.74 2.38 2.39
N LEU A 35 18.58 2.95 2.14
CA LEU A 35 17.98 2.91 0.82
C LEU A 35 18.78 3.75 -0.17
N ALA A 36 19.47 4.81 0.30
CA ALA A 36 20.28 5.63 -0.59
C ALA A 36 21.43 4.78 -1.17
N LYS A 37 22.23 4.19 -0.28
CA LYS A 37 23.27 3.24 -0.62
C LYS A 37 22.74 2.17 -1.56
N ASP A 38 21.58 1.60 -1.23
CA ASP A 38 21.03 0.57 -2.10
C ASP A 38 20.81 1.12 -3.50
N TYR A 39 20.19 2.31 -3.57
CA TYR A 39 19.90 3.00 -4.83
C TYR A 39 21.18 3.04 -5.67
N TYR A 40 22.25 3.60 -5.06
CA TYR A 40 23.53 3.78 -5.73
C TYR A 40 24.20 2.47 -6.12
N ILE A 41 24.11 1.43 -5.28
CA ILE A 41 24.61 0.13 -5.67
C ILE A 41 23.80 -0.37 -6.86
N TYR A 42 22.48 -0.16 -6.80
CA TYR A 42 21.65 -0.58 -7.92
C TYR A 42 22.14 0.09 -9.22
N ARG A 43 22.52 1.36 -9.10
CA ARG A 43 22.84 2.14 -10.28
C ARG A 43 24.12 1.62 -10.92
N LEU A 44 25.07 1.16 -10.10
CA LEU A 44 26.26 0.48 -10.60
C LEU A 44 25.87 -0.84 -11.25
N LEU A 45 24.97 -1.56 -10.61
CA LEU A 45 24.56 -2.84 -11.17
C LEU A 45 23.97 -2.64 -12.57
N GLU A 46 23.07 -1.66 -12.72
CA GLU A 46 22.33 -1.52 -13.97
C GLU A 46 23.28 -1.07 -15.08
N LYS A 47 24.37 -0.38 -14.73
CA LYS A 47 25.36 0.09 -15.70
C LYS A 47 26.47 -0.96 -15.91
N ASN A 48 26.32 -2.11 -15.24
CA ASN A 48 27.23 -3.25 -15.33
C ASN A 48 28.61 -2.88 -14.78
N LYS A 49 28.70 -2.07 -13.74
CA LYS A 49 29.99 -1.61 -13.24
C LYS A 49 30.44 -2.36 -11.97
N ILE A 50 29.74 -3.45 -11.60
CA ILE A 50 30.10 -4.27 -10.45
C ILE A 50 30.70 -5.60 -10.96
N SER A 51 31.99 -5.83 -10.68
CA SER A 51 32.63 -7.10 -11.06
C SER A 51 32.17 -8.23 -10.15
N LYS A 52 32.35 -9.46 -10.62
CA LYS A 52 32.14 -10.64 -9.78
C LYS A 52 32.92 -10.53 -8.46
N LYS A 53 34.10 -9.89 -8.49
CA LYS A 53 34.92 -9.75 -7.29
C LYS A 53 34.33 -8.71 -6.34
N ASP A 54 33.91 -7.55 -6.87
CA ASP A 54 33.27 -6.50 -6.07
C ASP A 54 32.06 -7.07 -5.31
N ALA A 55 31.37 -8.01 -5.96
CA ALA A 55 30.10 -8.52 -5.50
C ALA A 55 30.19 -9.63 -4.45
N GLN A 56 31.39 -9.99 -3.95
CA GLN A 56 31.48 -11.13 -3.03
C GLN A 56 30.87 -10.73 -1.68
N ASP A 57 31.37 -9.65 -1.06
CA ASP A 57 31.01 -9.35 0.33
C ASP A 57 29.77 -8.47 0.38
N LEU A 58 29.06 -8.39 -0.76
CA LEU A 58 28.15 -7.30 -1.01
C LEU A 58 26.78 -7.55 -0.39
N ASN A 59 26.45 -8.83 -0.07
CA ASN A 59 25.20 -9.18 0.59
C ASN A 59 25.04 -8.46 1.93
N SER A 60 26.16 -8.24 2.64
CA SER A 60 26.19 -7.52 3.90
C SER A 60 26.01 -6.00 3.72
N HIS A 61 25.88 -5.50 2.49
CA HIS A 61 25.92 -4.07 2.22
C HIS A 61 24.60 -3.54 1.67
N ILE A 62 23.53 -4.32 1.82
CA ILE A 62 22.27 -4.05 1.18
C ILE A 62 21.18 -3.95 2.25
N PHE A 63 20.79 -2.71 2.60
CA PHE A 63 19.73 -2.47 3.57
C PHE A 63 18.52 -3.38 3.34
N ARG A 64 18.05 -3.52 2.10
CA ARG A 64 16.80 -4.22 1.82
C ARG A 64 16.95 -5.12 0.59
N TYR A 65 17.31 -6.39 0.83
CA TYR A 65 17.63 -7.33 -0.22
C TYR A 65 16.34 -7.91 -0.81
N ILE A 66 15.54 -7.09 -1.51
CA ILE A 66 14.33 -7.53 -2.19
C ILE A 66 14.30 -6.94 -3.60
N GLY A 67 13.52 -7.56 -4.50
CA GLY A 67 13.07 -6.91 -5.73
C GLY A 67 14.14 -6.83 -6.83
N LYS A 68 14.46 -5.61 -7.25
CA LYS A 68 15.25 -5.35 -8.45
C LYS A 68 16.73 -5.63 -8.21
N ILE A 69 17.24 -5.12 -7.08
CA ILE A 69 18.63 -5.23 -6.71
C ILE A 69 18.99 -6.69 -6.44
N LYS A 70 18.03 -7.44 -5.90
CA LYS A 70 18.16 -8.87 -5.67
C LYS A 70 18.31 -9.60 -7.01
N SER A 71 17.35 -9.41 -7.92
CA SER A 71 17.36 -10.15 -9.16
C SER A 71 18.57 -9.76 -10.02
N GLU A 72 19.11 -8.56 -9.77
CA GLU A 72 20.19 -7.99 -10.58
C GLU A 72 21.53 -8.53 -10.05
N LEU A 73 21.66 -8.62 -8.73
CA LEU A 73 22.86 -9.16 -8.11
C LEU A 73 22.94 -10.68 -8.25
N GLU A 74 21.79 -11.36 -8.39
CA GLU A 74 21.74 -12.80 -8.61
C GLU A 74 21.99 -13.15 -10.09
N LYS A 75 22.22 -12.15 -10.95
CA LYS A 75 22.66 -12.39 -12.31
C LYS A 75 24.18 -12.56 -12.35
N ILE A 76 24.84 -12.07 -11.28
CA ILE A 76 26.29 -12.13 -11.16
C ILE A 76 26.67 -13.37 -10.33
N ILE A 77 26.19 -13.40 -9.09
CA ILE A 77 26.45 -14.49 -8.16
C ILE A 77 25.10 -15.15 -7.85
N PRO A 78 24.65 -16.14 -8.67
CA PRO A 78 23.38 -16.82 -8.38
C PRO A 78 23.49 -17.43 -6.98
N LEU A 79 22.48 -17.20 -6.12
CA LEU A 79 22.35 -17.97 -4.90
C LEU A 79 21.02 -18.71 -5.00
N LYS A 80 21.12 -20.04 -5.06
CA LYS A 80 19.97 -20.92 -5.22
C LYS A 80 19.55 -21.55 -3.90
N PRO A 81 20.27 -21.40 -2.75
CA PRO A 81 19.77 -21.87 -1.44
C PRO A 81 18.29 -21.56 -1.17
N TYR A 82 17.81 -21.68 0.07
CA TYR A 82 18.46 -22.37 1.18
C TYR A 82 17.52 -23.46 1.67
N ILE A 83 18.12 -24.55 2.15
CA ILE A 83 17.41 -25.69 2.70
C ILE A 83 18.20 -26.19 3.90
N ASN A 84 17.49 -26.37 5.03
CA ASN A 84 18.11 -26.65 6.31
C ASN A 84 18.88 -27.97 6.25
N PRO A 85 20.16 -28.06 6.71
CA PRO A 85 20.89 -29.33 6.76
C PRO A 85 20.11 -30.54 7.28
N LYS A 86 19.11 -30.26 8.14
CA LYS A 86 18.26 -31.26 8.78
C LYS A 86 17.47 -32.05 7.73
N TYR A 87 16.75 -31.32 6.87
CA TYR A 87 15.77 -31.89 5.97
C TYR A 87 16.34 -32.02 4.55
N ALA A 88 17.67 -32.16 4.43
CA ALA A 88 18.32 -32.12 3.13
C ALA A 88 18.10 -33.46 2.42
N LYS A 89 18.20 -34.55 3.18
CA LYS A 89 17.85 -35.88 2.69
C LYS A 89 16.45 -35.87 2.07
N CYS A 90 15.56 -35.00 2.58
CA CYS A 90 14.14 -35.08 2.30
C CYS A 90 13.83 -34.60 0.89
N TYR A 91 14.71 -33.75 0.35
CA TYR A 91 14.54 -33.22 -0.99
C TYR A 91 15.36 -34.04 -1.98
N THR A 92 15.67 -35.30 -1.66
CA THR A 92 16.25 -36.21 -2.63
C THR A 92 15.18 -37.19 -3.14
N TYR A 93 13.98 -37.11 -2.55
CA TYR A 93 12.86 -37.93 -2.96
C TYR A 93 11.97 -37.08 -3.88
N THR A 94 11.27 -37.78 -4.79
CA THR A 94 10.25 -37.22 -5.65
C THR A 94 8.95 -37.97 -5.38
N ALA A 95 7.87 -37.54 -6.05
CA ALA A 95 6.56 -38.21 -6.00
C ALA A 95 6.64 -39.70 -6.30
N ASN A 96 7.72 -40.13 -6.98
CA ASN A 96 7.92 -41.52 -7.37
C ASN A 96 8.56 -42.32 -6.25
N THR A 97 9.36 -41.67 -5.40
CA THR A 97 10.14 -42.42 -4.42
C THR A 97 9.76 -42.03 -3.00
N ILE A 98 8.61 -41.39 -2.81
CA ILE A 98 8.26 -40.79 -1.53
C ILE A 98 7.95 -41.87 -0.49
N LEU A 99 7.35 -42.99 -0.92
CA LEU A 99 7.08 -44.10 -0.02
C LEU A 99 8.35 -44.75 0.53
N ASP A 100 9.53 -44.47 -0.04
CA ASP A 100 10.80 -44.94 0.48
C ASP A 100 11.35 -43.96 1.52
N ALA A 101 10.65 -42.86 1.79
CA ALA A 101 11.24 -41.87 2.67
C ALA A 101 10.79 -42.13 4.11
N ASN A 102 11.65 -41.76 5.05
CA ASN A 102 11.33 -41.89 6.47
C ASN A 102 10.11 -41.00 6.74
N LEU A 103 9.52 -41.15 7.92
CA LEU A 103 8.22 -40.57 8.22
C LEU A 103 8.32 -39.05 8.37
N THR A 104 9.45 -38.55 8.87
CA THR A 104 9.64 -37.11 8.96
C THR A 104 9.70 -36.49 7.57
N CYS A 105 10.53 -37.06 6.69
CA CYS A 105 10.62 -36.60 5.31
C CYS A 105 9.25 -36.58 4.63
N GLN A 106 8.45 -37.63 4.86
CA GLN A 106 7.13 -37.73 4.27
C GLN A 106 6.34 -36.49 4.66
N SER A 107 6.43 -36.06 5.92
CA SER A 107 5.56 -35.00 6.41
C SER A 107 6.02 -33.65 5.84
N VAL A 108 7.34 -33.47 5.76
CA VAL A 108 7.93 -32.26 5.20
C VAL A 108 7.39 -32.02 3.78
N ARG A 109 7.60 -33.00 2.88
CA ARG A 109 7.25 -32.85 1.47
C ARG A 109 5.74 -32.59 1.29
N LEU A 110 4.91 -33.07 2.22
CA LEU A 110 3.47 -32.94 2.13
C LEU A 110 2.98 -31.56 2.58
N ASN A 111 3.89 -30.68 3.03
CA ASN A 111 3.60 -29.25 3.13
C ASN A 111 3.23 -28.58 1.81
N SER A 112 3.70 -29.11 0.67
CA SER A 112 3.42 -28.52 -0.63
C SER A 112 2.18 -29.17 -1.24
N LEU A 113 1.14 -28.37 -1.54
CA LEU A 113 -0.05 -28.94 -2.16
C LEU A 113 0.19 -29.37 -3.61
N VAL A 114 1.17 -28.73 -4.27
CA VAL A 114 1.62 -29.16 -5.58
C VAL A 114 2.23 -30.56 -5.50
N PHE A 115 3.13 -30.78 -4.54
CA PHE A 115 3.64 -32.12 -4.29
C PHE A 115 2.48 -33.12 -4.16
N ILE A 116 1.51 -32.81 -3.29
CA ILE A 116 0.38 -33.72 -3.07
C ILE A 116 -0.36 -33.98 -4.39
N ALA A 117 -0.55 -32.94 -5.21
CA ALA A 117 -1.27 -33.09 -6.46
C ALA A 117 -0.48 -33.99 -7.42
N SER A 118 0.86 -33.97 -7.27
CA SER A 118 1.74 -34.71 -8.16
C SER A 118 1.68 -36.22 -7.90
N LEU A 119 1.31 -36.64 -6.68
CA LEU A 119 1.32 -38.04 -6.29
C LEU A 119 0.22 -38.77 -7.03
N ASN A 120 0.34 -40.10 -7.15
CA ASN A 120 -0.78 -40.88 -7.66
C ASN A 120 -1.70 -41.25 -6.49
N SER A 121 -2.92 -41.69 -6.85
CA SER A 121 -4.01 -41.76 -5.90
C SER A 121 -3.83 -42.93 -4.92
N LYS A 122 -3.11 -43.97 -5.38
CA LYS A 122 -2.80 -45.12 -4.53
C LYS A 122 -1.89 -44.69 -3.39
N ASP A 123 -0.85 -43.91 -3.72
CA ASP A 123 0.10 -43.38 -2.75
C ASP A 123 -0.55 -42.36 -1.83
N ARG A 124 -1.56 -41.62 -2.32
CA ARG A 124 -2.29 -40.69 -1.47
C ARG A 124 -3.12 -41.47 -0.44
N THR A 125 -3.75 -42.57 -0.86
CA THR A 125 -4.54 -43.42 0.04
C THR A 125 -3.65 -43.98 1.14
N THR A 126 -2.45 -44.44 0.78
CA THR A 126 -1.55 -45.05 1.74
C THR A 126 -1.01 -44.02 2.73
N LEU A 127 -0.51 -42.91 2.20
CA LEU A 127 -0.01 -41.84 3.05
C LEU A 127 -1.13 -41.29 3.94
N ALA A 128 -2.38 -41.34 3.46
CA ALA A 128 -3.50 -40.80 4.24
C ALA A 128 -3.75 -41.64 5.48
N GLN A 129 -3.60 -42.96 5.37
CA GLN A 129 -3.76 -43.86 6.51
C GLN A 129 -2.62 -43.72 7.52
N THR A 130 -1.39 -43.55 7.03
CA THR A 130 -0.25 -43.32 7.91
C THR A 130 -0.51 -42.15 8.83
N PHE A 131 -1.18 -41.11 8.32
CA PHE A 131 -1.14 -39.81 8.94
C PHE A 131 -2.41 -39.50 9.71
N LYS A 132 -3.46 -40.33 9.61
CA LYS A 132 -4.76 -40.00 10.22
C LYS A 132 -4.66 -39.83 11.75
N ASN A 133 -3.70 -40.48 12.42
CA ASN A 133 -3.63 -40.37 13.87
C ASN A 133 -3.11 -38.99 14.23
N GLN A 134 -1.85 -38.71 13.87
CA GLN A 134 -1.15 -37.53 14.37
C GLN A 134 -1.39 -36.30 13.47
N ARG A 135 -1.60 -36.46 12.15
CA ARG A 135 -1.72 -35.31 11.28
C ARG A 135 -2.90 -35.46 10.31
N PRO A 136 -4.15 -35.45 10.82
CA PRO A 136 -5.33 -35.54 9.97
C PRO A 136 -5.55 -34.36 9.02
N ASP A 137 -4.85 -33.24 9.27
CA ASP A 137 -4.72 -32.16 8.30
C ASP A 137 -4.18 -32.70 6.97
N LEU A 138 -3.10 -33.50 7.06
CA LEU A 138 -2.50 -34.12 5.91
C LEU A 138 -3.45 -35.15 5.31
N THR A 139 -4.04 -35.96 6.18
CA THR A 139 -5.01 -36.95 5.73
C THR A 139 -6.08 -36.31 4.85
N ASN A 140 -6.59 -35.15 5.25
CA ASN A 140 -7.73 -34.55 4.57
C ASN A 140 -7.32 -34.02 3.22
N LEU A 141 -6.16 -33.35 3.17
CA LEU A 141 -5.66 -32.83 1.90
C LEU A 141 -5.35 -33.98 0.94
N LEU A 142 -4.66 -35.03 1.44
CA LEU A 142 -4.37 -36.25 0.69
C LEU A 142 -5.64 -36.84 0.08
N LEU A 143 -6.67 -37.07 0.90
CA LEU A 143 -7.89 -37.69 0.39
C LEU A 143 -8.65 -36.70 -0.49
N ALA A 144 -8.44 -35.40 -0.28
CA ALA A 144 -9.15 -34.37 -1.03
C ALA A 144 -8.73 -34.40 -2.49
N PHE A 145 -7.41 -34.59 -2.71
CA PHE A 145 -6.82 -34.64 -4.05
C PHE A 145 -7.06 -35.98 -4.75
N ASN A 146 -7.71 -36.94 -4.08
CA ASN A 146 -8.23 -38.15 -4.70
C ASN A 146 -9.65 -37.92 -5.22
N THR A 147 -10.08 -36.66 -5.31
CA THR A 147 -11.41 -36.33 -5.82
C THR A 147 -11.27 -35.32 -6.96
N SER A 148 -12.36 -35.16 -7.72
CA SER A 148 -12.44 -34.14 -8.76
C SER A 148 -12.61 -32.72 -8.19
N ASP A 149 -12.88 -32.54 -6.88
CA ASP A 149 -13.02 -31.21 -6.30
C ASP A 149 -12.49 -31.18 -4.87
N PRO A 150 -11.19 -30.91 -4.68
CA PRO A 150 -10.60 -30.88 -3.34
C PRO A 150 -11.20 -29.86 -2.38
N MET A 151 -11.65 -28.70 -2.87
CA MET A 151 -12.11 -27.63 -1.99
C MET A 151 -13.37 -28.11 -1.28
N SER A 152 -14.25 -28.73 -2.05
CA SER A 152 -15.50 -29.29 -1.56
C SER A 152 -15.24 -30.31 -0.45
N TYR A 153 -14.19 -31.11 -0.58
CA TYR A 153 -13.92 -32.15 0.41
C TYR A 153 -13.51 -31.48 1.72
N ILE A 154 -12.62 -30.49 1.61
CA ILE A 154 -12.10 -29.73 2.74
C ILE A 154 -13.22 -28.98 3.46
N VAL A 155 -14.08 -28.34 2.68
CA VAL A 155 -15.22 -27.60 3.16
C VAL A 155 -16.17 -28.50 3.95
N GLN A 156 -16.42 -29.71 3.43
CA GLN A 156 -17.30 -30.65 4.12
C GLN A 156 -16.66 -31.06 5.47
N LYS A 157 -15.33 -31.17 5.57
CA LYS A 157 -14.68 -31.51 6.84
C LYS A 157 -14.49 -30.27 7.73
N GLU A 158 -14.83 -29.10 7.21
CA GLU A 158 -14.60 -27.83 7.88
C GLU A 158 -13.15 -27.74 8.40
N ASP A 159 -12.17 -28.16 7.58
CA ASP A 159 -10.74 -27.96 7.87
C ASP A 159 -10.36 -26.52 7.45
N ILE A 160 -10.15 -25.63 8.44
CA ILE A 160 -9.88 -24.21 8.18
C ILE A 160 -8.47 -24.04 7.61
N ASN A 161 -7.48 -24.71 8.23
CA ASN A 161 -6.11 -24.61 7.76
C ASN A 161 -5.99 -25.09 6.32
N GLY A 162 -6.68 -26.18 5.98
CA GLY A 162 -6.71 -26.72 4.63
C GLY A 162 -7.42 -25.78 3.66
N PHE A 163 -8.52 -25.15 4.11
CA PHE A 163 -9.19 -24.23 3.21
C PHE A 163 -8.18 -23.18 2.73
N PHE A 164 -7.41 -22.59 3.63
CA PHE A 164 -6.50 -21.52 3.22
C PHE A 164 -5.32 -22.04 2.40
N LYS A 165 -4.88 -23.29 2.66
CA LYS A 165 -3.76 -23.82 1.91
C LYS A 165 -4.20 -24.01 0.46
N LEU A 166 -5.46 -24.44 0.27
CA LEU A 166 -6.09 -24.61 -1.03
C LEU A 166 -6.32 -23.28 -1.73
N TYR A 167 -6.79 -22.27 -0.99
CA TYR A 167 -6.92 -20.94 -1.56
C TYR A 167 -5.57 -20.42 -2.08
N ASN A 168 -4.49 -20.54 -1.28
CA ASN A 168 -3.17 -20.09 -1.71
C ASN A 168 -2.65 -20.94 -2.89
N TYR A 169 -2.85 -22.25 -2.84
CA TYR A 169 -2.51 -23.12 -3.96
C TYR A 169 -3.22 -22.66 -5.24
N SER A 170 -4.53 -22.41 -5.17
CA SER A 170 -5.28 -22.03 -6.35
C SER A 170 -6.47 -21.18 -5.93
N LYS A 171 -6.60 -20.04 -6.61
CA LYS A 171 -7.63 -19.06 -6.34
C LYS A 171 -8.87 -19.33 -7.17
N LYS A 172 -8.88 -20.43 -7.95
CA LYS A 172 -9.96 -20.70 -8.92
C LYS A 172 -11.04 -21.58 -8.30
N TYR A 173 -10.73 -22.21 -7.16
CA TYR A 173 -11.73 -22.91 -6.37
C TYR A 173 -12.75 -21.90 -5.86
N ASP A 174 -14.04 -22.20 -6.06
CA ASP A 174 -15.14 -21.37 -5.62
C ASP A 174 -16.34 -22.27 -5.37
N LEU A 175 -17.03 -22.02 -4.25
CA LEU A 175 -18.06 -22.91 -3.74
C LEU A 175 -18.81 -22.16 -2.64
N ASP A 176 -20.07 -22.52 -2.41
CA ASP A 176 -20.86 -21.93 -1.34
C ASP A 176 -20.43 -22.55 -0.01
N LEU A 177 -20.37 -21.68 1.03
CA LEU A 177 -19.93 -22.07 2.37
C LEU A 177 -21.08 -21.80 3.33
N ASN A 178 -21.32 -22.71 4.28
CA ASN A 178 -22.42 -22.54 5.22
C ASN A 178 -22.00 -21.61 6.38
N THR A 179 -23.00 -21.17 7.15
CA THR A 179 -22.85 -20.26 8.26
C THR A 179 -21.83 -20.75 9.30
N SER A 180 -21.98 -21.99 9.75
CA SER A 180 -20.99 -22.57 10.64
C SER A 180 -19.58 -22.27 10.13
N LEU A 181 -19.34 -22.59 8.86
CA LEU A 181 -17.98 -22.58 8.34
C LEU A 181 -17.46 -21.16 8.16
N VAL A 182 -18.25 -20.27 7.52
CA VAL A 182 -17.77 -18.95 7.20
C VAL A 182 -17.34 -18.25 8.49
N ASN A 183 -18.10 -18.49 9.58
CA ASN A 183 -17.84 -17.88 10.88
C ASN A 183 -16.58 -18.42 11.56
N LYS A 184 -16.02 -19.54 11.10
CA LYS A 184 -14.72 -19.98 11.60
C LYS A 184 -13.56 -19.35 10.82
N LEU A 185 -13.79 -18.86 9.60
CA LEU A 185 -12.67 -18.47 8.74
C LEU A 185 -11.91 -17.29 9.34
N PRO A 186 -12.59 -16.27 9.91
CA PRO A 186 -11.90 -15.09 10.42
C PRO A 186 -10.93 -15.37 11.56
N ASN A 187 -10.91 -16.57 12.13
CA ASN A 187 -9.95 -16.88 13.17
C ASN A 187 -8.56 -17.17 12.60
N HIS A 188 -8.39 -17.29 11.29
CA HIS A 188 -7.09 -17.59 10.69
C HIS A 188 -6.48 -16.32 10.09
N ILE A 189 -5.15 -16.15 10.22
CA ILE A 189 -4.42 -14.98 9.73
C ILE A 189 -4.63 -14.69 8.24
N GLY A 190 -4.92 -15.73 7.45
CA GLY A 190 -5.16 -15.59 6.02
C GLY A 190 -6.43 -14.82 5.71
N PHE A 191 -7.38 -14.78 6.66
CA PHE A 191 -8.72 -14.32 6.35
C PHE A 191 -8.72 -12.92 5.76
N LYS A 192 -7.92 -12.01 6.32
CA LYS A 192 -8.02 -10.59 5.98
C LYS A 192 -7.68 -10.40 4.50
N ASP A 193 -6.51 -10.92 4.09
CA ASP A 193 -6.01 -10.85 2.72
C ASP A 193 -6.97 -11.57 1.78
N PHE A 194 -7.42 -12.79 2.14
CA PHE A 194 -8.49 -13.49 1.43
C PHE A 194 -9.71 -12.61 1.14
N ALA A 195 -10.29 -11.94 2.16
CA ALA A 195 -11.49 -11.13 1.96
C ALA A 195 -11.16 -9.90 1.13
N GLN A 196 -10.06 -9.24 1.44
CA GLN A 196 -9.75 -8.02 0.71
C GLN A 196 -9.65 -8.33 -0.79
N ASN A 197 -8.85 -9.36 -1.12
CA ASN A 197 -8.60 -9.79 -2.48
C ASN A 197 -9.89 -10.11 -3.21
N ILE A 198 -10.69 -11.04 -2.70
CA ILE A 198 -11.82 -11.49 -3.50
C ILE A 198 -12.87 -10.38 -3.61
N ILE A 199 -12.94 -9.45 -2.64
CA ILE A 199 -13.94 -8.40 -2.68
C ILE A 199 -13.55 -7.27 -3.65
N ILE A 200 -12.29 -6.80 -3.65
CA ILE A 200 -11.95 -5.70 -4.54
C ILE A 200 -11.70 -6.19 -5.97
N LYS A 201 -11.37 -7.47 -6.16
CA LYS A 201 -11.15 -8.10 -7.46
C LYS A 201 -12.44 -8.65 -8.06
N LYS A 202 -13.44 -8.89 -7.21
CA LYS A 202 -14.72 -9.43 -7.65
C LYS A 202 -14.54 -10.83 -8.24
N GLU A 203 -13.75 -11.65 -7.54
CA GLU A 203 -13.63 -13.07 -7.85
C GLU A 203 -14.39 -13.85 -6.80
N ASN A 204 -14.39 -15.17 -6.96
CA ASN A 204 -15.03 -16.10 -6.05
C ASN A 204 -16.40 -15.59 -5.61
N PRO A 205 -17.33 -15.38 -6.57
CA PRO A 205 -18.70 -14.98 -6.25
C PRO A 205 -19.42 -15.82 -5.18
N LYS A 206 -19.13 -17.11 -5.08
CA LYS A 206 -19.82 -17.93 -4.11
C LYS A 206 -19.25 -17.75 -2.71
N PHE A 207 -17.91 -17.58 -2.66
CA PHE A 207 -17.24 -17.16 -1.43
C PHE A 207 -17.78 -15.82 -0.97
N ARG A 208 -17.93 -14.85 -1.88
CA ARG A 208 -18.41 -13.53 -1.51
C ARG A 208 -19.82 -13.59 -0.97
N HIS A 209 -20.70 -14.31 -1.66
CA HIS A 209 -22.09 -14.34 -1.25
C HIS A 209 -22.21 -15.00 0.13
N SER A 210 -21.37 -16.02 0.39
CA SER A 210 -21.39 -16.77 1.64
C SER A 210 -20.93 -15.92 2.83
N MET A 211 -20.06 -14.95 2.58
CA MET A 211 -19.50 -14.07 3.60
C MET A 211 -20.50 -13.00 4.08
N LEU A 212 -21.71 -12.99 3.50
CA LEU A 212 -22.84 -12.22 4.04
C LEU A 212 -23.35 -12.75 5.38
N GLU A 213 -22.99 -13.98 5.77
CA GLU A 213 -23.51 -14.62 6.97
C GLU A 213 -22.44 -14.63 8.07
N ILE A 214 -21.32 -13.96 7.83
CA ILE A 214 -20.39 -13.77 8.95
C ILE A 214 -21.06 -12.82 9.95
N ASN A 215 -21.09 -13.29 11.20
CA ASN A 215 -21.54 -12.51 12.33
C ASN A 215 -20.51 -11.39 12.53
N PRO A 216 -20.95 -10.11 12.58
CA PRO A 216 -20.04 -9.00 12.90
C PRO A 216 -19.23 -9.15 14.19
N GLU A 217 -19.81 -9.84 15.20
CA GLU A 217 -19.10 -10.15 16.43
C GLU A 217 -17.78 -10.86 16.15
N ASN A 218 -17.70 -11.64 15.05
CA ASN A 218 -16.58 -12.53 14.83
C ASN A 218 -15.45 -11.86 14.03
N VAL A 219 -15.66 -10.62 13.55
CA VAL A 219 -14.62 -9.92 12.79
C VAL A 219 -14.33 -8.57 13.42
N SER A 220 -13.19 -7.97 13.03
CA SER A 220 -12.89 -6.58 13.37
C SER A 220 -12.04 -5.87 12.32
N GLU A 221 -11.92 -4.55 12.48
CA GLU A 221 -10.96 -3.72 11.77
C GLU A 221 -11.19 -3.86 10.26
N ASP A 222 -10.14 -4.17 9.50
CA ASP A 222 -10.15 -4.15 8.05
C ASP A 222 -11.10 -5.22 7.51
N SER A 223 -11.05 -6.40 8.13
CA SER A 223 -11.93 -7.49 7.75
C SER A 223 -13.38 -7.05 7.83
N ALA A 224 -13.73 -6.41 8.96
CA ALA A 224 -15.09 -5.92 9.18
C ALA A 224 -15.48 -4.90 8.12
N PHE A 225 -14.54 -3.99 7.82
CA PHE A 225 -14.76 -2.95 6.84
C PHE A 225 -15.06 -3.57 5.46
N TYR A 226 -14.16 -4.46 4.99
CA TYR A 226 -14.28 -5.10 3.69
C TYR A 226 -15.56 -5.93 3.61
N LEU A 227 -15.99 -6.55 4.71
CA LEU A 227 -17.28 -7.23 4.73
C LEU A 227 -18.45 -6.27 4.68
N GLY A 228 -18.26 -5.05 5.16
CA GLY A 228 -19.27 -4.01 4.96
C GLY A 228 -19.40 -3.63 3.49
N VAL A 229 -18.26 -3.50 2.80
CA VAL A 229 -18.24 -3.17 1.38
C VAL A 229 -18.90 -4.30 0.60
N ASN A 230 -18.53 -5.54 0.92
CA ASN A 230 -19.13 -6.74 0.34
C ASN A 230 -20.66 -6.68 0.43
N ALA A 231 -21.16 -6.35 1.61
CA ALA A 231 -22.60 -6.36 1.83
C ALA A 231 -23.27 -5.24 1.02
N LEU A 232 -22.65 -4.06 0.95
CA LEU A 232 -23.21 -3.07 0.04
C LEU A 232 -23.35 -3.62 -1.38
N THR A 233 -22.35 -4.30 -1.94
CA THR A 233 -22.41 -4.76 -3.33
C THR A 233 -23.59 -5.69 -3.61
N TYR A 234 -24.07 -6.44 -2.59
CA TYR A 234 -25.28 -7.25 -2.70
C TYR A 234 -26.54 -6.54 -2.17
N ASP A 235 -26.44 -5.22 -1.90
CA ASP A 235 -27.52 -4.38 -1.39
C ASP A 235 -28.13 -4.91 -0.09
N LYS A 236 -27.28 -5.37 0.84
CA LYS A 236 -27.68 -5.75 2.18
C LYS A 236 -27.17 -4.69 3.16
N THR A 237 -27.92 -3.60 3.26
CA THR A 237 -27.51 -2.36 3.92
C THR A 237 -27.50 -2.52 5.45
N GLU A 238 -28.42 -3.34 5.98
CA GLU A 238 -28.45 -3.65 7.41
C GLU A 238 -27.17 -4.34 7.85
N LEU A 239 -26.79 -5.44 7.17
CA LEU A 239 -25.59 -6.17 7.54
C LEU A 239 -24.39 -5.24 7.35
N ALA A 240 -24.44 -4.38 6.32
CA ALA A 240 -23.34 -3.49 6.02
C ALA A 240 -23.09 -2.54 7.19
N TYR A 241 -24.17 -1.95 7.75
CA TYR A 241 -24.05 -1.04 8.88
C TYR A 241 -23.34 -1.74 10.04
N ASP A 242 -23.84 -2.93 10.40
CA ASP A 242 -23.31 -3.67 11.53
C ASP A 242 -21.83 -3.94 11.33
N PHE A 243 -21.44 -4.23 10.08
CA PHE A 243 -20.05 -4.50 9.77
C PHE A 243 -19.22 -3.23 9.93
N PHE A 244 -19.74 -2.12 9.41
CA PHE A 244 -19.02 -0.85 9.44
C PHE A 244 -18.94 -0.34 10.89
N LYS A 245 -20.01 -0.56 11.65
CA LYS A 245 -20.06 -0.19 13.05
C LYS A 245 -18.98 -0.93 13.81
N LYS A 246 -18.92 -2.25 13.63
CA LYS A 246 -17.89 -3.03 14.30
C LYS A 246 -16.49 -2.55 13.88
N ALA A 247 -16.36 -2.10 12.62
CA ALA A 247 -15.09 -1.57 12.16
C ALA A 247 -14.77 -0.25 12.88
N ALA A 248 -15.75 0.67 12.94
CA ALA A 248 -15.60 1.93 13.66
C ALA A 248 -15.09 1.70 15.10
N GLN A 249 -15.63 0.70 15.80
CA GLN A 249 -15.29 0.49 17.21
C GLN A 249 -13.93 -0.17 17.43
N SER A 250 -13.38 -0.85 16.42
CA SER A 250 -12.16 -1.63 16.56
C SER A 250 -10.94 -0.99 15.88
N PHE A 251 -11.13 -0.05 14.95
CA PHE A 251 -10.01 0.44 14.15
C PHE A 251 -9.00 1.14 15.05
N LYS A 252 -7.70 0.91 14.80
CA LYS A 252 -6.62 1.56 15.54
C LYS A 252 -6.50 3.02 15.13
N SER A 253 -6.47 3.34 13.83
CA SER A 253 -6.28 4.72 13.39
C SER A 253 -7.64 5.42 13.20
N GLN A 254 -7.66 6.73 13.49
CA GLN A 254 -8.84 7.58 13.48
C GLN A 254 -9.33 7.78 12.05
N SER A 255 -8.39 7.92 11.10
CA SER A 255 -8.69 8.00 9.67
C SER A 255 -9.58 6.84 9.22
N ASN A 256 -9.21 5.62 9.62
CA ASN A 256 -10.01 4.44 9.30
C ASN A 256 -11.33 4.45 10.05
N LYS A 257 -11.35 4.87 11.33
CA LYS A 257 -12.62 4.95 12.05
C LYS A 257 -13.61 5.81 11.28
N ASP A 258 -13.10 6.97 10.82
CA ASP A 258 -13.84 7.97 10.07
C ASP A 258 -14.43 7.44 8.75
N ASN A 259 -13.61 6.71 7.99
CA ASN A 259 -14.03 6.05 6.78
C ASN A 259 -15.23 5.16 7.13
N ALA A 260 -15.16 4.44 8.25
CA ALA A 260 -16.24 3.55 8.69
C ALA A 260 -17.42 4.33 9.24
N ILE A 261 -17.20 5.46 9.94
CA ILE A 261 -18.34 6.20 10.47
C ILE A 261 -19.09 6.79 9.29
N PHE A 262 -18.34 7.23 8.28
CA PHE A 262 -18.95 7.82 7.09
C PHE A 262 -19.94 6.86 6.43
N TRP A 263 -19.55 5.59 6.36
CA TRP A 263 -20.43 4.58 5.77
C TRP A 263 -21.67 4.37 6.63
N MET A 264 -21.46 4.20 7.95
CA MET A 264 -22.52 4.15 8.95
C MET A 264 -23.56 5.24 8.69
N TRP A 265 -23.10 6.47 8.42
CA TRP A 265 -23.99 7.58 8.14
C TRP A 265 -24.69 7.42 6.79
N LEU A 266 -23.94 7.13 5.74
CA LEU A 266 -24.48 7.08 4.39
C LEU A 266 -25.63 6.07 4.30
N ILE A 267 -25.48 4.96 5.03
CA ILE A 267 -26.47 3.90 5.06
C ILE A 267 -27.71 4.32 5.86
N LYS A 268 -27.56 4.81 7.09
CA LYS A 268 -28.72 5.01 7.97
C LYS A 268 -29.10 6.48 8.15
N ASN A 269 -28.12 7.40 8.19
CA ASN A 269 -28.38 8.83 8.28
C ASN A 269 -28.78 9.25 9.70
N ASN A 270 -28.17 8.63 10.72
CA ASN A 270 -28.24 9.13 12.07
C ASN A 270 -27.25 10.29 12.16
N GLU A 271 -27.65 11.40 12.78
CA GLU A 271 -26.85 12.62 12.74
C GLU A 271 -25.84 12.63 13.88
N GLU A 272 -26.02 11.76 14.88
CA GLU A 272 -24.98 11.50 15.86
C GLU A 272 -23.68 10.99 15.21
N ASP A 273 -23.83 10.22 14.13
CA ASP A 273 -22.69 9.63 13.44
C ASP A 273 -21.95 10.72 12.68
N LEU A 274 -22.71 11.58 11.97
CA LEU A 274 -22.10 12.62 11.17
C LEU A 274 -21.46 13.68 12.04
N LYS A 275 -21.97 13.80 13.26
CA LYS A 275 -21.46 14.83 14.14
C LYS A 275 -20.09 14.35 14.63
N THR A 276 -20.04 13.10 15.10
CA THR A 276 -18.77 12.53 15.55
C THR A 276 -17.72 12.71 14.44
N LEU A 277 -18.13 12.49 13.18
CA LEU A 277 -17.23 12.54 12.06
C LEU A 277 -16.78 13.98 11.77
N SER A 278 -17.66 14.98 11.97
CA SER A 278 -17.30 16.38 11.74
C SER A 278 -16.38 16.90 12.83
N GLN A 279 -16.39 16.25 14.00
CA GLN A 279 -15.57 16.67 15.13
C GLN A 279 -14.29 15.84 15.22
N SER A 280 -13.92 15.11 14.16
CA SER A 280 -12.78 14.21 14.21
C SER A 280 -11.46 14.97 14.30
N SER A 281 -10.51 14.43 15.07
CA SER A 281 -9.16 15.00 15.14
C SER A 281 -8.40 14.74 13.83
N SER A 282 -8.79 13.69 13.10
CA SER A 282 -8.14 13.32 11.85
C SER A 282 -8.68 14.14 10.67
N LEU A 283 -7.74 14.74 9.92
CA LEU A 283 -8.08 15.47 8.72
C LEU A 283 -7.99 14.51 7.55
N ASN A 284 -9.13 14.21 6.92
CA ASN A 284 -9.21 13.28 5.81
C ASN A 284 -10.46 13.66 5.02
N ILE A 285 -10.69 13.00 3.89
CA ILE A 285 -11.79 13.43 3.04
C ILE A 285 -13.14 13.26 3.74
N TYR A 286 -13.25 12.30 4.66
CA TYR A 286 -14.55 11.98 5.24
C TYR A 286 -14.91 13.02 6.29
N SER A 287 -13.92 13.43 7.09
CA SER A 287 -14.09 14.45 8.11
C SER A 287 -14.24 15.81 7.45
N LEU A 288 -13.49 16.09 6.36
CA LEU A 288 -13.71 17.33 5.63
C LEU A 288 -15.14 17.40 5.08
N TYR A 289 -15.64 16.32 4.47
CA TYR A 289 -16.94 16.35 3.81
C TYR A 289 -18.02 16.60 4.85
N ALA A 290 -17.84 15.97 6.01
CA ALA A 290 -18.80 16.04 7.11
C ALA A 290 -18.85 17.46 7.67
N LYS A 291 -17.69 18.15 7.72
CA LYS A 291 -17.61 19.52 8.20
C LYS A 291 -18.35 20.42 7.24
N GLU A 292 -18.18 20.18 5.96
CA GLU A 292 -18.88 20.94 4.94
C GLU A 292 -20.40 20.73 5.09
N LEU A 293 -20.83 19.48 5.23
CA LEU A 293 -22.25 19.15 5.31
C LEU A 293 -22.93 19.75 6.55
N THR A 294 -22.18 20.05 7.63
CA THR A 294 -22.70 20.51 8.90
C THR A 294 -22.39 22.01 9.17
N ASN A 295 -21.92 22.73 8.15
CA ASN A 295 -21.47 24.11 8.29
C ASN A 295 -20.45 24.26 9.44
N THR A 296 -19.64 23.22 9.71
CA THR A 296 -18.51 23.28 10.63
C THR A 296 -17.31 23.95 9.95
N PRO A 297 -16.56 24.84 10.66
CA PRO A 297 -15.46 25.57 10.03
C PRO A 297 -14.29 24.65 9.69
N PHE A 298 -13.56 25.07 8.65
CA PHE A 298 -12.38 24.35 8.17
C PHE A 298 -11.40 24.16 9.32
N PRO A 299 -10.68 23.02 9.40
CA PRO A 299 -9.78 22.80 10.54
C PRO A 299 -8.58 23.74 10.52
N LYS A 300 -7.99 23.89 11.71
CA LYS A 300 -6.83 24.72 11.93
C LYS A 300 -5.62 24.07 11.26
N ILE A 301 -5.01 24.82 10.34
CA ILE A 301 -3.74 24.46 9.74
C ILE A 301 -2.63 25.28 10.40
N GLU A 302 -1.62 24.59 10.93
CA GLU A 302 -0.45 25.25 11.49
C GLU A 302 0.18 26.15 10.44
N SER A 303 0.98 27.09 10.93
CA SER A 303 1.74 28.01 10.11
C SER A 303 3.17 28.03 10.63
N LEU A 304 4.13 27.65 9.77
CA LEU A 304 5.54 27.58 10.15
C LEU A 304 6.29 28.63 9.35
N ASN A 305 6.80 29.63 10.06
CA ASN A 305 7.63 30.64 9.43
C ASN A 305 8.85 30.83 10.33
N PRO A 306 9.84 29.90 10.31
CA PRO A 306 11.09 30.10 11.06
C PRO A 306 11.81 31.37 10.62
N SER A 307 12.26 32.18 11.59
CA SER A 307 13.02 33.39 11.27
C SER A 307 14.43 33.01 10.79
N LYS A 308 15.07 32.09 11.52
CA LYS A 308 16.40 31.56 11.22
C LYS A 308 16.52 31.25 9.73
N LYS A 309 17.66 31.62 9.13
CA LYS A 309 17.78 31.70 7.69
C LYS A 309 18.27 30.36 7.11
N LYS A 310 19.28 29.74 7.74
CA LYS A 310 19.85 28.48 7.28
C LYS A 310 20.70 27.84 8.38
N ASN A 311 21.28 26.66 8.08
CA ASN A 311 22.27 26.04 8.96
C ASN A 311 23.23 25.21 8.10
N ASN A 312 23.93 24.26 8.73
CA ASN A 312 24.99 23.50 8.07
C ASN A 312 24.45 22.44 7.11
N PHE A 313 23.20 21.99 7.34
CA PHE A 313 22.70 20.76 6.75
C PHE A 313 22.59 20.92 5.23
N ASN A 314 23.14 19.92 4.50
CA ASN A 314 23.07 19.77 3.05
C ASN A 314 21.81 19.00 2.64
N MET A 315 20.85 19.76 2.11
CA MET A 315 19.54 19.25 1.75
C MET A 315 19.63 18.49 0.43
N GLN A 316 20.83 18.46 -0.16
CA GLN A 316 21.03 17.81 -1.45
C GLN A 316 21.84 16.53 -1.27
N ASP A 317 22.20 16.19 -0.02
CA ASP A 317 22.92 14.97 0.28
C ASP A 317 21.94 13.86 0.66
N PRO A 318 21.72 12.82 -0.18
CA PRO A 318 20.79 11.73 0.15
C PRO A 318 21.15 10.94 1.41
N PHE A 319 22.46 10.87 1.69
CA PHE A 319 23.05 10.10 2.77
C PHE A 319 22.76 10.79 4.08
N ALA A 320 22.90 12.11 4.10
CA ALA A 320 22.63 12.93 5.28
C ALA A 320 21.17 12.75 5.69
N TRP A 321 20.27 12.63 4.71
CA TRP A 321 18.85 12.52 4.97
C TRP A 321 18.59 11.19 5.67
N GLN A 322 19.09 10.10 5.07
CA GLN A 322 18.80 8.76 5.55
C GLN A 322 19.26 8.64 7.00
N LYS A 323 20.46 9.16 7.25
CA LYS A 323 21.04 9.35 8.57
C LYS A 323 20.07 10.08 9.49
N ILE A 324 19.80 11.36 9.21
CA ILE A 324 18.98 12.16 10.11
C ILE A 324 17.58 11.55 10.21
N ASN A 325 17.17 10.78 9.19
CA ASN A 325 15.84 10.21 9.21
C ASN A 325 15.78 9.08 10.24
N LYS A 326 16.89 8.36 10.42
CA LYS A 326 16.88 7.23 11.34
C LYS A 326 16.87 7.80 12.76
N GLN A 327 17.68 8.84 13.05
CA GLN A 327 17.67 9.55 14.34
C GLN A 327 16.26 10.05 14.72
N ILE A 328 15.55 10.69 13.79
CA ILE A 328 14.20 11.18 14.03
C ILE A 328 13.23 10.04 14.36
N ARG A 329 13.34 8.89 13.66
CA ARG A 329 12.44 7.77 13.89
C ARG A 329 12.71 7.12 15.23
N ASP A 330 13.99 7.05 15.59
CA ASP A 330 14.49 6.32 16.73
C ASP A 330 14.86 7.35 17.79
N ALA A 331 13.87 8.17 18.18
CA ALA A 331 14.10 9.22 19.16
C ALA A 331 13.01 9.18 20.22
N ASN A 332 13.43 9.38 21.47
CA ASN A 332 12.50 9.66 22.55
C ASN A 332 11.93 11.04 22.26
N ALA A 333 10.64 11.25 22.58
CA ALA A 333 9.99 12.54 22.43
C ALA A 333 10.64 13.57 23.37
N SER A 334 11.98 13.73 23.25
CA SER A 334 12.75 14.72 23.96
C SER A 334 14.07 15.04 23.23
N GLN A 335 14.64 14.02 22.57
CA GLN A 335 15.64 14.22 21.53
C GLN A 335 14.99 14.94 20.34
N LEU A 336 13.68 14.71 20.14
CA LEU A 336 12.91 15.38 19.10
C LEU A 336 13.04 16.91 19.23
N ASP A 337 12.94 17.44 20.46
CA ASP A 337 12.93 18.88 20.69
C ASP A 337 14.32 19.45 20.40
N VAL A 338 15.34 18.59 20.46
CA VAL A 338 16.71 19.01 20.16
C VAL A 338 16.87 19.10 18.64
N LEU A 339 16.19 18.19 17.94
CA LEU A 339 16.21 18.12 16.48
C LEU A 339 15.34 19.23 15.91
N ALA A 340 14.14 19.41 16.47
CA ALA A 340 13.22 20.46 16.05
C ALA A 340 13.92 21.82 16.04
N LYS A 341 14.70 22.11 17.08
CA LYS A 341 15.33 23.41 17.23
C LYS A 341 16.53 23.53 16.31
N GLU A 342 17.26 22.41 16.14
CA GLU A 342 18.40 22.36 15.24
C GLU A 342 17.91 22.67 13.81
N PHE A 343 16.75 22.13 13.41
CA PHE A 343 16.30 22.22 12.03
C PHE A 343 15.21 23.28 11.81
N ASP A 344 15.06 24.22 12.76
CA ASP A 344 14.05 25.28 12.68
C ASP A 344 14.56 26.42 11.79
N THR A 345 14.75 26.13 10.49
CA THR A 345 15.25 27.12 9.54
C THR A 345 14.40 27.10 8.27
N GLN A 346 14.59 28.13 7.45
CA GLN A 346 13.94 28.24 6.16
C GLN A 346 14.50 27.18 5.22
N GLU A 347 15.81 26.91 5.36
CA GLU A 347 16.52 26.03 4.44
C GLU A 347 16.14 24.57 4.75
N THR A 348 15.80 24.27 6.02
CA THR A 348 15.47 22.91 6.44
C THR A 348 14.01 22.81 6.87
N LEU A 349 13.17 23.71 6.35
CA LEU A 349 11.77 23.76 6.73
C LEU A 349 11.11 22.40 6.54
N PRO A 350 11.32 21.67 5.42
CA PRO A 350 10.64 20.40 5.20
C PRO A 350 10.94 19.36 6.29
N ILE A 351 12.17 19.40 6.81
CA ILE A 351 12.63 18.54 7.89
C ILE A 351 11.97 18.99 9.21
N TYR A 352 11.95 20.29 9.44
CA TYR A 352 11.33 20.87 10.61
C TYR A 352 9.89 20.38 10.77
N ALA A 353 9.11 20.49 9.70
CA ALA A 353 7.71 20.08 9.69
C ALA A 353 7.59 18.57 9.87
N TYR A 354 8.60 17.82 9.43
CA TYR A 354 8.60 16.37 9.53
C TYR A 354 8.76 15.97 10.99
N ILE A 355 9.78 16.55 11.62
CA ILE A 355 10.00 16.36 13.05
C ILE A 355 8.75 16.79 13.82
N LEU A 356 8.18 17.98 13.53
CA LEU A 356 7.03 18.49 14.27
C LEU A 356 5.86 17.53 14.19
N GLU A 357 5.62 16.96 13.01
CA GLU A 357 4.49 16.06 12.79
C GLU A 357 4.52 14.88 13.76
N ARG A 358 5.71 14.25 13.89
CA ARG A 358 5.92 13.12 14.78
C ARG A 358 5.80 13.60 16.23
N LYS A 359 6.51 14.68 16.53
CA LYS A 359 6.70 15.24 17.85
C LYS A 359 5.38 15.55 18.56
N ASN A 360 4.35 16.00 17.83
CA ASN A 360 3.05 16.28 18.43
C ASN A 360 2.07 15.15 18.18
N ASN A 361 2.60 13.96 17.91
CA ASN A 361 1.80 12.73 17.85
C ASN A 361 0.66 12.86 16.84
N PHE A 362 0.92 13.57 15.74
CA PHE A 362 0.07 13.56 14.56
C PHE A 362 -1.27 14.26 14.81
N LYS A 363 -1.30 15.12 15.85
CA LYS A 363 -2.51 15.83 16.28
C LYS A 363 -2.61 17.18 15.57
N LYS A 364 -1.48 17.67 15.06
CA LYS A 364 -1.48 18.95 14.37
C LYS A 364 -1.25 18.73 12.87
N HIS A 365 -1.83 19.64 12.08
CA HIS A 365 -1.91 19.56 10.64
C HIS A 365 -0.91 20.50 9.97
N TYR A 366 0.10 19.90 9.31
CA TYR A 366 1.19 20.65 8.69
C TYR A 366 1.10 20.51 7.18
N PHE A 367 0.96 21.67 6.54
CA PHE A 367 0.85 21.76 5.10
C PHE A 367 1.77 22.89 4.65
N ILE A 368 3.04 22.59 4.50
CA ILE A 368 4.00 23.58 4.07
C ILE A 368 3.92 23.73 2.55
N MET A 369 4.50 24.83 2.08
CA MET A 369 4.62 25.15 0.67
C MET A 369 6.09 25.56 0.40
N PRO A 370 7.04 24.60 0.43
CA PRO A 370 8.44 24.92 0.23
C PRO A 370 8.79 25.09 -1.25
N TYR A 371 9.87 25.87 -1.48
CA TYR A 371 10.43 26.12 -2.79
C TYR A 371 9.35 26.72 -3.69
N TYR A 372 8.61 27.70 -3.13
CA TYR A 372 7.36 28.14 -3.71
C TYR A 372 7.61 28.96 -4.99
N ASP A 373 8.74 29.67 -5.05
CA ASP A 373 9.14 30.45 -6.23
C ASP A 373 9.03 29.62 -7.50
N ASN A 374 9.28 28.31 -7.40
CA ASN A 374 9.24 27.43 -8.55
C ASN A 374 7.83 27.14 -9.04
N ILE A 375 6.76 27.47 -8.27
CA ILE A 375 5.41 27.12 -8.72
C ILE A 375 4.47 28.32 -8.69
N LYS A 376 4.94 29.48 -8.21
CA LYS A 376 4.05 30.60 -7.94
C LYS A 376 3.40 31.13 -9.21
N ASP A 377 3.98 30.85 -10.39
CA ASP A 377 3.40 31.36 -11.62
C ASP A 377 2.42 30.37 -12.25
N TYR A 378 2.22 29.20 -11.64
CA TYR A 378 1.16 28.33 -12.14
C TYR A 378 -0.16 28.81 -11.55
N ASN A 379 -1.27 28.44 -12.19
CA ASN A 379 -2.58 28.79 -11.66
C ASN A 379 -2.75 28.03 -10.34
N LYS A 380 -3.57 28.59 -9.43
CA LYS A 380 -3.60 28.13 -8.04
C LYS A 380 -4.12 26.69 -7.92
N THR A 381 -4.99 26.27 -8.85
CA THR A 381 -5.57 24.93 -8.84
C THR A 381 -4.47 23.90 -9.16
N ARG A 382 -3.57 24.27 -10.08
CA ARG A 382 -2.43 23.46 -10.43
C ARG A 382 -1.45 23.38 -9.25
N GLN A 383 -1.16 24.53 -8.61
CA GLN A 383 -0.28 24.55 -7.45
C GLN A 383 -0.78 23.55 -6.41
N ALA A 384 -2.07 23.62 -6.10
CA ALA A 384 -2.65 22.77 -5.07
C ALA A 384 -2.39 21.31 -5.40
N LEU A 385 -2.58 20.94 -6.66
CA LEU A 385 -2.43 19.55 -7.08
C LEU A 385 -0.99 19.09 -6.91
N ILE A 386 -0.03 19.94 -7.28
CA ILE A 386 1.37 19.65 -7.16
C ILE A 386 1.74 19.48 -5.70
N LEU A 387 1.31 20.41 -4.86
CA LEU A 387 1.67 20.38 -3.45
C LEU A 387 1.04 19.15 -2.78
N ALA A 388 -0.16 18.75 -3.24
CA ALA A 388 -0.87 17.63 -2.64
C ALA A 388 -0.14 16.30 -2.92
N ILE A 389 0.31 16.16 -4.16
CA ILE A 389 1.11 15.02 -4.58
C ILE A 389 2.40 15.02 -3.75
N ALA A 390 3.10 16.17 -3.66
CA ALA A 390 4.40 16.21 -3.02
C ALA A 390 4.29 15.89 -1.53
N ARG A 391 3.21 16.33 -0.86
CA ARG A 391 3.04 16.09 0.56
C ARG A 391 2.97 14.57 0.83
N GLN A 392 2.15 13.86 0.05
CA GLN A 392 1.98 12.43 0.19
C GLN A 392 3.21 11.66 -0.28
N GLU A 393 3.82 12.09 -1.40
CA GLU A 393 4.92 11.35 -2.00
C GLU A 393 6.14 11.35 -1.09
N SER A 394 6.37 12.44 -0.36
CA SER A 394 7.72 12.74 0.09
C SER A 394 7.78 13.59 1.37
N ARG A 395 6.67 14.22 1.77
CA ARG A 395 6.67 15.32 2.74
C ARG A 395 7.76 16.33 2.38
N PHE A 396 7.97 16.53 1.07
CA PHE A 396 8.76 17.64 0.58
C PHE A 396 10.24 17.49 0.92
N ILE A 397 10.72 16.25 1.04
CA ILE A 397 12.12 15.97 1.30
C ILE A 397 12.82 15.85 -0.05
N PRO A 398 13.75 16.76 -0.42
CA PRO A 398 14.34 16.76 -1.76
C PRO A 398 14.98 15.43 -2.16
N THR A 399 15.69 14.76 -1.24
CA THR A 399 16.47 13.58 -1.57
C THR A 399 15.77 12.28 -1.13
N ALA A 400 14.44 12.25 -1.27
CA ALA A 400 13.67 11.12 -0.79
C ALA A 400 13.71 9.99 -1.81
N ILE A 401 13.95 8.78 -1.28
CA ILE A 401 14.06 7.56 -2.05
C ILE A 401 13.11 6.53 -1.44
N SER A 402 12.31 5.92 -2.30
CA SER A 402 11.39 4.87 -1.95
C SER A 402 12.06 3.50 -2.18
N VAL A 403 11.34 2.43 -1.79
CA VAL A 403 11.86 1.08 -1.81
C VAL A 403 11.88 0.54 -3.24
N SER A 404 11.13 1.19 -4.15
CA SER A 404 11.25 0.93 -5.59
C SER A 404 12.18 1.95 -6.27
N TYR A 405 12.88 2.77 -5.45
CA TYR A 405 13.85 3.79 -5.89
C TYR A 405 13.17 4.90 -6.71
N ALA A 406 12.01 5.37 -6.24
CA ALA A 406 11.42 6.60 -6.75
C ALA A 406 12.13 7.80 -6.13
N LEU A 407 12.32 8.90 -6.90
CA LEU A 407 13.30 9.90 -6.52
C LEU A 407 12.69 11.28 -6.31
N GLY A 408 13.17 11.94 -5.24
CA GLY A 408 12.90 13.33 -4.89
C GLY A 408 11.48 13.59 -4.40
N MET A 409 11.15 14.89 -4.27
CA MET A 409 9.89 15.38 -3.71
C MET A 409 8.64 14.83 -4.41
N MET A 410 8.75 14.49 -5.70
CA MET A 410 7.59 14.11 -6.50
C MET A 410 7.70 12.63 -6.86
N GLN A 411 8.75 11.99 -6.32
CA GLN A 411 8.86 10.54 -6.35
C GLN A 411 8.67 10.01 -7.77
N PHE A 412 9.54 10.47 -8.67
CA PHE A 412 9.60 9.95 -10.04
C PHE A 412 10.37 8.63 -10.11
N MET A 413 9.75 7.62 -10.75
CA MET A 413 10.45 6.41 -11.18
C MET A 413 11.55 6.81 -12.18
N PRO A 414 12.80 6.26 -12.12
CA PRO A 414 13.86 6.65 -13.06
C PRO A 414 13.58 6.46 -14.55
N PHE A 415 12.74 5.50 -14.93
CA PHE A 415 12.36 5.36 -16.33
C PHE A 415 11.69 6.66 -16.82
N LEU A 416 10.64 7.07 -16.09
CA LEU A 416 9.88 8.24 -16.48
C LEU A 416 10.73 9.50 -16.36
N ALA A 417 11.60 9.60 -15.35
CA ALA A 417 12.43 10.79 -15.16
C ALA A 417 13.39 10.97 -16.34
N ASN A 418 13.94 9.85 -16.84
CA ASN A 418 14.93 9.89 -17.89
C ASN A 418 14.22 10.20 -19.20
N HIS A 419 13.08 9.55 -19.45
CA HIS A 419 12.33 9.82 -20.66
C HIS A 419 11.93 11.30 -20.77
N ILE A 420 11.44 11.90 -19.69
CA ILE A 420 11.05 13.31 -19.69
C ILE A 420 12.29 14.17 -19.90
N GLY A 421 13.32 13.95 -19.06
CA GLY A 421 14.52 14.77 -19.03
C GLY A 421 15.41 14.68 -20.28
N GLU A 422 15.47 13.50 -20.94
CA GLU A 422 16.34 13.28 -22.06
C GLU A 422 15.55 13.44 -23.36
N LYS A 423 14.52 12.63 -23.53
CA LYS A 423 13.79 12.68 -24.78
C LYS A 423 12.89 13.93 -24.85
N GLU A 424 12.08 14.26 -23.82
CA GLU A 424 11.01 15.25 -23.99
C GLU A 424 11.54 16.67 -23.75
N LEU A 425 12.15 16.93 -22.59
CA LEU A 425 12.54 18.28 -22.22
C LEU A 425 13.98 18.57 -22.61
N LYS A 426 14.71 17.53 -23.03
CA LYS A 426 16.05 17.66 -23.59
C LYS A 426 16.98 18.50 -22.71
N ILE A 427 16.93 18.30 -21.38
CA ILE A 427 17.81 18.97 -20.45
C ILE A 427 19.26 18.52 -20.67
N PRO A 428 20.20 19.48 -20.76
CA PRO A 428 21.60 19.15 -21.04
C PRO A 428 22.34 18.56 -19.84
N ASN A 429 22.95 17.37 -20.05
CA ASN A 429 23.69 16.60 -19.06
C ASN A 429 22.75 15.98 -18.03
N PHE A 430 21.54 15.63 -18.50
CA PHE A 430 20.49 15.20 -17.60
C PHE A 430 20.95 13.92 -16.91
N ASP A 431 21.03 13.96 -15.57
CA ASP A 431 21.04 12.76 -14.77
C ASP A 431 19.70 12.66 -14.02
N GLN A 432 19.23 11.43 -13.78
CA GLN A 432 18.03 11.17 -12.97
C GLN A 432 18.15 11.70 -11.54
N ASP A 433 19.36 11.88 -11.02
CA ASP A 433 19.55 12.45 -9.69
C ASP A 433 19.20 13.94 -9.66
N PHE A 434 18.81 14.47 -10.83
CA PHE A 434 18.30 15.83 -10.95
C PHE A 434 16.91 15.92 -10.31
N MET A 435 16.18 14.79 -10.18
CA MET A 435 14.91 14.74 -9.47
C MET A 435 15.07 15.15 -8.00
N PHE A 436 16.30 15.17 -7.47
CA PHE A 436 16.53 15.64 -6.11
C PHE A 436 16.45 17.16 -6.03
N LYS A 437 16.42 17.83 -7.19
CA LYS A 437 16.34 19.28 -7.22
C LYS A 437 14.86 19.71 -7.24
N PRO A 438 14.43 20.54 -6.25
CA PRO A 438 13.07 21.09 -6.23
C PRO A 438 12.63 21.67 -7.56
N GLU A 439 13.46 22.56 -8.12
CA GLU A 439 13.22 23.17 -9.43
C GLU A 439 12.74 22.12 -10.43
N ILE A 440 13.44 20.97 -10.44
CA ILE A 440 13.22 19.95 -11.43
C ILE A 440 12.00 19.10 -11.06
N ALA A 441 11.95 18.69 -9.78
CA ALA A 441 10.87 17.87 -9.28
C ALA A 441 9.52 18.54 -9.62
N TYR A 442 9.40 19.80 -9.20
CA TYR A 442 8.17 20.55 -9.42
C TYR A 442 7.88 20.71 -10.92
N TYR A 443 8.92 20.94 -11.76
CA TYR A 443 8.73 21.18 -13.18
C TYR A 443 8.32 19.91 -13.92
N PHE A 444 8.94 18.77 -13.58
CA PHE A 444 8.55 17.50 -14.20
C PHE A 444 7.19 17.06 -13.70
N GLY A 445 6.93 17.31 -12.40
CA GLY A 445 5.64 17.08 -11.79
C GLY A 445 4.54 17.84 -12.54
N ASN A 446 4.80 19.13 -12.75
CA ASN A 446 3.84 19.95 -13.49
C ASN A 446 3.61 19.37 -14.88
N TYR A 447 4.71 19.03 -15.59
CA TYR A 447 4.64 18.49 -16.95
C TYR A 447 3.83 17.18 -16.95
N HIS A 448 4.16 16.25 -16.03
CA HIS A 448 3.49 14.95 -16.04
C HIS A 448 2.02 15.09 -15.68
N LEU A 449 1.71 15.98 -14.71
CA LEU A 449 0.33 16.22 -14.28
C LEU A 449 -0.51 16.82 -15.40
N ASN A 450 0.09 17.72 -16.19
CA ASN A 450 -0.55 18.25 -17.39
C ASN A 450 -1.03 17.15 -18.33
N TYR A 451 -0.16 16.18 -18.62
CA TYR A 451 -0.54 15.03 -19.43
C TYR A 451 -1.74 14.29 -18.81
N LEU A 452 -1.74 14.13 -17.48
CA LEU A 452 -2.74 13.27 -16.84
C LEU A 452 -4.08 13.98 -16.76
N GLU A 453 -4.06 15.27 -16.34
CA GLU A 453 -5.25 16.09 -16.19
C GLU A 453 -5.99 16.19 -17.53
N SER A 454 -5.25 16.48 -18.59
CA SER A 454 -5.83 16.62 -19.92
C SER A 454 -6.57 15.35 -20.36
N ARG A 455 -6.26 14.18 -19.82
CA ARG A 455 -6.98 12.97 -20.20
C ARG A 455 -8.03 12.55 -19.18
N LEU A 456 -7.86 12.92 -17.91
CA LEU A 456 -8.64 12.33 -16.82
C LEU A 456 -9.52 13.35 -16.10
N LYS A 457 -9.04 14.61 -16.01
CA LYS A 457 -9.83 15.76 -15.56
C LYS A 457 -9.85 15.83 -14.02
N SER A 458 -10.57 14.89 -13.35
CA SER A 458 -10.67 14.87 -11.90
C SER A 458 -9.29 14.74 -11.26
N PRO A 459 -8.99 15.56 -10.23
CA PRO A 459 -7.74 15.40 -9.48
C PRO A 459 -7.67 14.08 -8.72
N LEU A 460 -8.81 13.43 -8.39
CA LEU A 460 -8.77 12.09 -7.82
C LEU A 460 -8.27 11.08 -8.85
N PHE A 461 -8.85 11.10 -10.06
CA PHE A 461 -8.45 10.22 -11.14
C PHE A 461 -6.99 10.47 -11.52
N VAL A 462 -6.62 11.76 -11.53
CA VAL A 462 -5.22 12.09 -11.76
C VAL A 462 -4.34 11.42 -10.69
N ALA A 463 -4.79 11.39 -9.43
CA ALA A 463 -3.96 10.88 -8.35
C ALA A 463 -3.78 9.37 -8.52
N TYR A 464 -4.86 8.68 -8.91
CA TYR A 464 -4.79 7.24 -9.13
C TYR A 464 -3.75 6.94 -10.20
N ALA A 465 -3.69 7.75 -11.25
CA ALA A 465 -2.82 7.47 -12.37
C ALA A 465 -1.39 7.92 -12.11
N TYR A 466 -1.20 8.94 -11.27
CA TYR A 466 0.15 9.34 -10.91
C TYR A 466 0.85 8.19 -10.18
N ASN A 467 0.09 7.42 -9.37
CA ASN A 467 0.63 6.35 -8.53
C ASN A 467 0.61 5.00 -9.24
N GLY A 468 -0.48 4.67 -9.95
CA GLY A 468 -0.67 3.35 -10.52
C GLY A 468 -0.55 3.30 -12.04
N GLY A 469 -0.27 4.45 -12.67
CA GLY A 469 -0.24 4.56 -14.12
C GLY A 469 -1.62 4.74 -14.78
N ILE A 470 -1.62 5.36 -15.96
CA ILE A 470 -2.86 5.73 -16.66
C ILE A 470 -3.49 4.51 -17.33
N GLY A 471 -2.68 3.49 -17.66
CA GLY A 471 -3.23 2.25 -18.18
C GLY A 471 -4.27 1.68 -17.22
N PHE A 472 -3.84 1.50 -15.96
CA PHE A 472 -4.67 0.91 -14.93
C PHE A 472 -5.92 1.76 -14.69
N THR A 473 -5.76 3.09 -14.67
CA THR A 473 -6.85 4.02 -14.44
C THR A 473 -7.89 3.97 -15.57
N ASN A 474 -7.44 4.01 -16.85
CA ASN A 474 -8.35 3.89 -17.98
C ASN A 474 -9.05 2.53 -17.96
N ARG A 475 -8.35 1.43 -17.65
CA ARG A 475 -8.98 0.12 -17.55
C ARG A 475 -10.09 0.12 -16.50
N MET A 476 -9.82 0.77 -15.36
CA MET A 476 -10.80 0.85 -14.29
C MET A 476 -12.01 1.70 -14.70
N LEU A 477 -11.79 2.84 -15.37
CA LEU A 477 -12.90 3.75 -15.68
C LEU A 477 -13.81 3.21 -16.80
N ALA A 478 -13.29 2.29 -17.61
CA ALA A 478 -14.02 1.64 -18.69
C ALA A 478 -15.04 0.62 -18.19
N ARG A 479 -14.78 -0.03 -17.05
CA ARG A 479 -15.75 -0.90 -16.41
C ARG A 479 -17.04 -0.10 -16.18
N ASN A 480 -18.19 -0.78 -16.24
CA ASN A 480 -19.48 -0.11 -16.15
C ASN A 480 -20.01 -0.26 -14.72
N ASP A 481 -19.19 -0.82 -13.84
CA ASP A 481 -19.51 -0.93 -12.43
C ASP A 481 -18.62 0.02 -11.62
N MET A 482 -17.84 0.89 -12.29
CA MET A 482 -16.92 1.78 -11.60
C MET A 482 -17.15 3.22 -12.05
N PHE A 483 -17.43 4.06 -11.04
CA PHE A 483 -17.54 5.51 -11.15
C PHE A 483 -18.70 5.83 -12.09
N LYS A 484 -19.74 4.98 -12.04
CA LYS A 484 -21.01 5.23 -12.70
C LYS A 484 -21.96 5.76 -11.63
N THR A 485 -23.20 6.04 -12.04
CA THR A 485 -24.24 6.50 -11.12
C THR A 485 -24.70 5.29 -10.31
N GLY A 486 -25.29 5.55 -9.14
CA GLY A 486 -25.67 4.50 -8.21
C GLY A 486 -25.87 5.08 -6.80
N LYS A 487 -26.79 4.49 -6.05
CA LYS A 487 -27.09 4.82 -4.66
C LYS A 487 -25.89 5.35 -3.87
N PHE A 488 -24.78 4.58 -3.89
CA PHE A 488 -23.72 4.77 -2.92
C PHE A 488 -22.47 5.38 -3.58
N GLU A 489 -22.67 5.91 -4.79
CA GLU A 489 -21.56 6.38 -5.61
C GLU A 489 -21.33 7.86 -5.32
N PRO A 490 -20.10 8.38 -5.50
CA PRO A 490 -18.96 7.58 -5.96
C PRO A 490 -18.15 6.83 -4.89
N PHE A 491 -18.65 6.83 -3.64
CA PHE A 491 -17.87 6.43 -2.48
C PHE A 491 -17.58 4.92 -2.49
N LEU A 492 -18.49 4.12 -3.06
CA LEU A 492 -18.30 2.67 -3.17
C LEU A 492 -17.17 2.34 -4.16
N SER A 493 -17.14 3.03 -5.31
CA SER A 493 -16.09 2.84 -6.31
C SER A 493 -14.71 3.13 -5.72
N MET A 494 -14.63 4.18 -4.91
CA MET A 494 -13.42 4.54 -4.18
C MET A 494 -12.93 3.40 -3.27
N GLU A 495 -13.86 2.57 -2.78
CA GLU A 495 -13.54 1.46 -1.91
C GLU A 495 -13.11 0.24 -2.74
N LEU A 496 -13.44 0.24 -4.04
CA LEU A 496 -13.27 -0.92 -4.91
C LEU A 496 -12.19 -0.71 -5.95
N VAL A 497 -11.35 0.33 -5.80
CA VAL A 497 -10.20 0.54 -6.67
C VAL A 497 -9.28 -0.68 -6.49
N PRO A 498 -8.91 -1.44 -7.56
CA PRO A 498 -8.22 -2.73 -7.39
C PRO A 498 -6.78 -2.82 -6.88
N TYR A 499 -5.99 -1.74 -6.91
CA TYR A 499 -4.69 -1.72 -6.22
C TYR A 499 -4.84 -1.00 -4.88
N GLN A 500 -4.46 -1.69 -3.79
CA GLN A 500 -4.57 -1.13 -2.45
C GLN A 500 -3.81 0.17 -2.32
N GLU A 501 -2.61 0.22 -2.90
CA GLU A 501 -1.73 1.35 -2.68
C GLU A 501 -2.36 2.59 -3.31
N SER A 502 -3.02 2.39 -4.46
CA SER A 502 -3.58 3.47 -5.25
C SER A 502 -4.90 3.95 -4.67
N ARG A 503 -5.70 3.02 -4.10
CA ARG A 503 -6.96 3.30 -3.40
C ARG A 503 -6.77 4.26 -2.22
N ILE A 504 -5.75 3.99 -1.41
CA ILE A 504 -5.36 4.78 -0.26
C ILE A 504 -4.77 6.11 -0.72
N TYR A 505 -3.87 6.05 -1.71
CA TYR A 505 -3.15 7.22 -2.19
C TYR A 505 -4.16 8.30 -2.63
N GLY A 506 -5.18 7.88 -3.38
CA GLY A 506 -6.13 8.82 -3.95
C GLY A 506 -6.86 9.63 -2.89
N LYS A 507 -7.36 8.91 -1.88
CA LYS A 507 -8.07 9.47 -0.76
C LYS A 507 -7.19 10.50 -0.05
N LYS A 508 -5.90 10.19 0.10
CA LYS A 508 -5.05 11.09 0.88
C LYS A 508 -4.72 12.34 0.08
N VAL A 509 -4.42 12.16 -1.21
CA VAL A 509 -3.96 13.25 -2.06
C VAL A 509 -5.13 14.21 -2.29
N LEU A 510 -6.31 13.62 -2.44
CA LEU A 510 -7.53 14.40 -2.57
C LEU A 510 -7.74 15.32 -1.36
N ALA A 511 -7.52 14.82 -0.13
CA ALA A 511 -7.69 15.63 1.05
C ALA A 511 -6.65 16.74 1.07
N ASN A 512 -5.42 16.39 0.66
CA ASN A 512 -4.32 17.35 0.62
C ASN A 512 -4.68 18.48 -0.36
N TYR A 513 -5.33 18.12 -1.47
CA TYR A 513 -5.74 19.03 -2.52
C TYR A 513 -6.74 20.07 -2.02
N ILE A 514 -7.81 19.59 -1.37
CA ILE A 514 -8.79 20.44 -0.70
C ILE A 514 -8.09 21.46 0.21
N VAL A 515 -7.21 20.94 1.08
CA VAL A 515 -6.54 21.77 2.06
C VAL A 515 -5.72 22.86 1.38
N TYR A 516 -4.93 22.49 0.36
CA TYR A 516 -3.99 23.42 -0.26
C TYR A 516 -4.74 24.46 -1.10
N ARG A 517 -5.83 24.05 -1.75
CA ARG A 517 -6.69 24.99 -2.45
C ARG A 517 -7.22 26.06 -1.48
N HIS A 518 -7.69 25.60 -0.32
CA HIS A 518 -8.06 26.49 0.79
C HIS A 518 -6.92 27.43 1.16
N LEU A 519 -5.77 26.92 1.59
CA LEU A 519 -4.66 27.79 1.99
C LEU A 519 -4.30 28.78 0.88
N LEU A 520 -4.50 28.41 -0.39
CA LEU A 520 -4.12 29.25 -1.50
C LEU A 520 -5.20 30.28 -1.86
N ASN A 521 -6.31 30.31 -1.11
CA ASN A 521 -7.43 31.21 -1.38
C ASN A 521 -8.09 30.83 -2.70
N ASP A 522 -8.29 29.53 -2.89
CA ASP A 522 -8.88 29.02 -4.12
C ASP A 522 -9.84 27.89 -3.76
N SER A 523 -10.53 28.04 -2.60
CA SER A 523 -11.41 27.04 -2.00
C SER A 523 -12.36 26.39 -3.00
N ILE A 524 -12.61 25.09 -2.78
CA ILE A 524 -13.61 24.37 -3.54
C ILE A 524 -14.40 23.52 -2.57
N LYS A 525 -15.71 23.38 -2.83
CA LYS A 525 -16.54 22.46 -2.08
C LYS A 525 -16.15 21.05 -2.50
N ILE A 526 -15.92 20.18 -1.52
CA ILE A 526 -15.52 18.82 -1.78
C ILE A 526 -16.70 18.04 -2.38
N SER A 527 -17.92 18.45 -2.08
CA SER A 527 -19.09 17.87 -2.76
C SER A 527 -19.04 18.10 -4.27
N ASP A 528 -18.43 19.21 -4.72
CA ASP A 528 -18.27 19.47 -6.15
C ASP A 528 -17.38 18.41 -6.79
N ILE A 529 -16.27 18.05 -6.11
CA ILE A 529 -15.37 17.02 -6.58
C ILE A 529 -16.12 15.69 -6.67
N PHE A 530 -16.93 15.37 -5.65
CA PHE A 530 -17.62 14.08 -5.66
C PHE A 530 -18.65 14.02 -6.80
N GLU A 531 -19.27 15.14 -7.17
CA GLU A 531 -20.30 15.15 -8.21
C GLU A 531 -19.69 14.80 -9.56
N ASN A 532 -18.51 15.37 -9.88
CA ASN A 532 -17.86 15.14 -11.17
C ASN A 532 -17.08 13.81 -11.24
N LEU A 533 -17.25 12.92 -10.27
CA LEU A 533 -16.68 11.58 -10.38
C LEU A 533 -17.65 10.66 -11.13
N ILE A 534 -18.92 11.03 -11.19
CA ILE A 534 -19.94 10.23 -11.85
C ILE A 534 -19.97 10.57 -13.35
N GLN A 535 -19.94 9.54 -14.23
CA GLN A 535 -20.10 9.74 -15.67
C GLN A 535 -21.54 9.43 -16.08
N ASN A 536 -22.12 10.36 -16.87
CA ASN A 536 -23.51 10.38 -17.31
C ASN A 536 -23.60 10.21 -18.84
O3 ZHL B . 4.49 6.37 -4.16
O1 ZHL B . 8.84 6.12 0.31
O2 ZHL B . 7.25 6.72 -3.28
C5 ZHL B . 4.88 6.27 -2.79
C4 ZHL B . 6.13 7.11 -2.49
N1 ZHL B . 7.68 7.76 -0.68
C6 ZHL B . 3.72 6.72 -1.91
C3 ZHL B . 6.45 7.05 -0.99
C2 ZHL B . 8.72 7.30 0.06
C7 ZHL B . 2.51 5.82 -2.01
C8 ZHL B . 5.20 7.49 -0.19
C9 ZHL B . 5.47 8.41 2.08
C10 ZHL B . 4.17 8.66 2.87
C1 ZHL B . 9.73 8.31 0.53
O4 ZHL B . 1.46 6.41 -1.27
O5 ZHL B . 4.05 6.71 -0.52
O6 ZHL B . 5.41 7.31 1.19
C11 ZHL B . 4.40 9.94 3.70
C12 ZHL B . 5.50 9.49 4.71
C13 ZHL B . 6.84 10.01 4.30
O7 ZHL B . 7.42 11.02 4.64
O8 ZHL B . 7.42 9.14 3.43
C14 ZHL B . 6.49 8.05 3.19
C15 ZHL B . 5.61 7.97 4.45
C16 ZHL B . 4.25 7.55 3.93
C1 CIT C . 3.79 24.05 16.59
O1 CIT C . 3.21 23.53 15.61
O2 CIT C . 4.57 23.43 17.33
C2 CIT C . 3.52 25.52 16.87
C3 CIT C . 4.04 26.47 15.78
O7 CIT C . 3.87 25.83 14.53
C4 CIT C . 5.54 26.70 16.03
C5 CIT C . 6.34 27.17 14.83
O3 CIT C . 5.89 28.10 14.14
O4 CIT C . 7.39 26.57 14.57
C6 CIT C . 3.29 27.84 15.76
O5 CIT C . 2.88 28.26 14.63
O6 CIT C . 3.19 28.44 16.84
S DMS D . 6.02 8.99 -11.16
O DMS D . 6.76 7.91 -11.98
C1 DMS D . 4.55 9.36 -12.08
C2 DMS D . 5.28 8.12 -9.80
S DMS E . -9.41 0.34 4.81
O DMS E . -8.14 0.28 5.61
C1 DMS E . -10.31 -1.06 5.40
C2 DMS E . -10.39 1.62 5.53
S DMS F . -13.15 -10.46 16.49
O DMS F . -13.65 -9.28 17.34
C1 DMS F . -11.38 -10.32 16.27
C2 DMS F . -13.26 -11.93 17.51
#